data_4WA4
#
_entry.id   4WA4
#
_cell.length_a   90.666
_cell.length_b   90.666
_cell.length_c   108.354
_cell.angle_alpha   90.00
_cell.angle_beta   90.00
_cell.angle_gamma   90.00
#
_symmetry.space_group_name_H-M   'I 4'
#
loop_
_entity.id
_entity.type
_entity.pdbx_description
1 polymer Neuraminidase
2 branched alpha-L-fucopyranose-(1-6)-2-acetamido-2-deoxy-beta-D-glucopyranose
3 non-polymer '(3R,4R,5S)-4-(acetylamino)-5-amino-3-(pentan-3-yloxy)cyclohex-1-ene-1-carboxylic acid'
4 non-polymer 'CALCIUM ION'
5 water water
#
_entity_poly.entity_id   1
_entity_poly.type   'polypeptide(L)'
_entity_poly.pdbx_seq_one_letter_code
;QFMQNTEALCDVKGFAPFSKDNGIRIGSRGHVFVIREPFVSCSPTECRTFFLTQGSLLNDKHSNGTEKDRSPYRTLMSVE
IGQSPNVYQARFEAVAWSATACHDGKKWMTIGVTGPDAKAVAVVHYGGIPTDVINSWAGDILRTQESSCTCILGECYWVM
TDGPANRQAQYRAFKAKQGKIIGQVEISFNGGHIEECSCYPNDGKVECVCRDNWTGTNRPVLVISPDLSYRVGYLCAGLS
SDTPRGEDSQFTGSCTSPVGNQGYGVKGFGFRQGNDVWMGRTISRTSRSGFEILKVRNGWVQTSKEQIKRQVVVDNLNRS
GYSGSFTLPVELTKRDCLVPCFWVEMIRGKPAEKTIWTSSSSIVMCGVDHEVADWSWHDGAILPFDID
;
_entity_poly.pdbx_strand_id   A
#
# COMPACT_ATOMS: atom_id res chain seq x y z
N GLN A 1 -11.70 14.91 19.29
CA GLN A 1 -10.61 14.01 19.86
C GLN A 1 -9.60 13.32 18.89
N PHE A 2 -8.29 13.57 19.08
CA PHE A 2 -7.28 12.86 18.26
C PHE A 2 -7.16 11.42 18.66
N MET A 3 -6.95 10.52 17.70
CA MET A 3 -6.70 9.09 17.96
C MET A 3 -5.27 8.92 18.53
N GLN A 4 -5.06 8.22 19.62
CA GLN A 4 -3.69 8.08 20.14
C GLN A 4 -2.82 7.24 19.22
N ASN A 5 -3.29 6.06 18.90
CA ASN A 5 -2.59 5.09 18.09
C ASN A 5 -1.17 4.90 18.62
N THR A 6 -1.04 4.78 19.93
CA THR A 6 0.23 4.53 20.64
C THR A 6 0.33 3.07 21.08
N GLU A 7 -0.71 2.30 20.86
CA GLU A 7 -0.76 0.91 21.33
C GLU A 7 0.13 -0.03 20.51
N ALA A 8 0.50 -1.16 21.11
CA ALA A 8 1.11 -2.26 20.31
C ALA A 8 0.16 -2.80 19.23
N LEU A 9 0.72 -3.22 18.12
CA LEU A 9 -0.03 -3.99 17.18
C LEU A 9 -0.39 -5.34 17.73
N CYS A 10 -1.58 -5.81 17.45
CA CYS A 10 -1.99 -7.12 17.97
C CYS A 10 -1.17 -8.21 17.28
N ASP A 11 -0.91 -9.25 18.05
CA ASP A 11 -0.24 -10.44 17.52
C ASP A 11 -1.37 -11.36 17.02
N VAL A 12 -1.35 -11.73 15.77
CA VAL A 12 -2.45 -12.43 15.18
C VAL A 12 -1.94 -13.74 14.50
N LYS A 13 -2.84 -14.70 14.48
CA LYS A 13 -2.60 -16.08 14.03
C LYS A 13 -3.14 -16.36 12.65
N GLY A 14 -4.01 -15.49 12.14
CA GLY A 14 -4.51 -15.67 10.82
C GLY A 14 -5.26 -14.42 10.39
N PHE A 15 -5.75 -14.42 9.17
CA PHE A 15 -6.42 -13.16 8.64
C PHE A 15 -7.78 -13.56 8.08
N ALA A 16 -8.83 -12.85 8.42
CA ALA A 16 -10.20 -13.18 7.95
C ALA A 16 -10.62 -12.19 6.89
N PRO A 17 -11.46 -12.62 5.95
CA PRO A 17 -11.96 -11.67 4.90
C PRO A 17 -12.87 -10.54 5.42
N PHE A 18 -12.52 -9.33 5.05
CA PHE A 18 -13.23 -8.12 5.55
C PHE A 18 -14.11 -7.78 4.34
N SER A 19 -13.55 -7.47 3.19
CA SER A 19 -14.42 -7.02 2.09
C SER A 19 -13.89 -7.49 0.72
N LYS A 20 -14.75 -7.40 -0.30
CA LYS A 20 -14.47 -7.72 -1.66
C LYS A 20 -15.38 -6.80 -2.46
N ASP A 21 -14.84 -5.93 -3.28
CA ASP A 21 -15.71 -4.98 -3.99
C ASP A 21 -16.24 -5.38 -5.34
N ASN A 22 -15.65 -6.39 -5.98
CA ASN A 22 -16.18 -6.92 -7.27
C ASN A 22 -16.26 -5.82 -8.33
N GLY A 23 -15.36 -4.84 -8.24
CA GLY A 23 -15.50 -3.60 -9.05
C GLY A 23 -15.50 -3.80 -10.55
N ILE A 24 -14.67 -4.72 -11.02
CA ILE A 24 -14.64 -5.01 -12.43
C ILE A 24 -15.84 -5.77 -12.99
N ARG A 25 -16.21 -6.84 -12.31
CA ARG A 25 -17.49 -7.56 -12.60
C ARG A 25 -18.67 -6.64 -12.69
N ILE A 26 -18.78 -5.74 -11.72
CA ILE A 26 -19.96 -4.83 -11.64
C ILE A 26 -19.84 -3.84 -12.80
N GLY A 27 -18.62 -3.39 -13.09
CA GLY A 27 -18.21 -2.42 -14.20
C GLY A 27 -18.45 -2.91 -15.62
N SER A 28 -18.83 -4.16 -15.79
CA SER A 28 -19.19 -4.67 -17.11
C SER A 28 -20.53 -4.00 -17.54
N ARG A 29 -21.28 -3.53 -16.57
CA ARG A 29 -22.62 -2.99 -16.77
C ARG A 29 -22.86 -1.72 -16.02
N GLY A 30 -22.43 -1.67 -14.78
CA GLY A 30 -22.54 -0.47 -13.94
C GLY A 30 -21.54 0.62 -14.33
N HIS A 31 -21.65 1.76 -13.66
CA HIS A 31 -20.82 2.96 -13.97
C HIS A 31 -19.69 3.06 -12.95
N VAL A 32 -18.55 2.48 -13.31
CA VAL A 32 -17.50 2.32 -12.39
C VAL A 32 -16.19 2.81 -12.97
N PHE A 33 -15.51 3.56 -12.20
CA PHE A 33 -14.20 4.17 -12.66
C PHE A 33 -13.21 3.06 -13.03
N VAL A 34 -12.44 3.34 -14.09
CA VAL A 34 -11.14 2.64 -14.32
C VAL A 34 -10.24 3.18 -13.25
N ILE A 35 -9.56 2.33 -12.48
CA ILE A 35 -8.66 2.69 -11.42
C ILE A 35 -7.39 1.91 -11.44
N ARG A 36 -6.51 2.30 -10.54
CA ARG A 36 -5.53 1.37 -10.06
C ARG A 36 -5.01 2.01 -8.77
N GLU A 37 -4.14 1.29 -8.07
CA GLU A 37 -3.62 1.77 -6.80
C GLU A 37 -4.72 2.07 -5.73
N PRO A 38 -5.59 1.06 -5.43
CA PRO A 38 -6.56 1.20 -4.34
C PRO A 38 -5.89 1.02 -3.00
N PHE A 39 -6.50 1.56 -1.94
CA PHE A 39 -6.00 1.34 -0.60
C PHE A 39 -7.05 1.62 0.42
N VAL A 40 -6.80 1.19 1.64
CA VAL A 40 -7.84 1.30 2.66
C VAL A 40 -7.21 2.05 3.79
N SER A 41 -8.00 2.94 4.42
CA SER A 41 -7.61 3.63 5.63
C SER A 41 -8.87 3.82 6.52
N CYS A 42 -8.72 3.86 7.87
CA CYS A 42 -9.89 3.95 8.75
C CYS A 42 -9.88 5.21 9.61
N SER A 43 -11.07 5.71 9.86
CA SER A 43 -11.33 6.75 10.88
C SER A 43 -11.97 6.10 12.14
N PRO A 44 -12.24 6.88 13.18
CA PRO A 44 -12.93 6.29 14.30
C PRO A 44 -14.31 5.71 14.00
N THR A 45 -14.89 6.03 12.83
CA THR A 45 -16.24 5.55 12.54
C THR A 45 -16.41 4.63 11.39
N GLU A 46 -15.42 4.56 10.47
CA GLU A 46 -15.57 3.69 9.27
C GLU A 46 -14.20 3.47 8.58
N CYS A 47 -14.14 2.43 7.74
CA CYS A 47 -13.00 2.21 6.87
C CYS A 47 -13.47 2.63 5.50
N ARG A 48 -12.58 3.22 4.70
CA ARG A 48 -12.82 3.63 3.34
C ARG A 48 -11.79 3.13 2.45
N THR A 49 -12.22 2.83 1.23
CA THR A 49 -11.34 2.53 0.12
C THR A 49 -11.07 3.79 -0.70
N PHE A 50 -9.79 4.12 -0.81
CA PHE A 50 -9.28 5.15 -1.70
C PHE A 50 -8.72 4.53 -3.00
N PHE A 51 -8.76 5.30 -4.08
CA PHE A 51 -8.33 4.80 -5.41
C PHE A 51 -7.99 5.96 -6.33
N LEU A 52 -7.11 5.70 -7.27
CA LEU A 52 -6.70 6.67 -8.29
C LEU A 52 -7.46 6.34 -9.57
N THR A 53 -8.42 7.19 -9.94
CA THR A 53 -9.15 6.95 -11.15
C THR A 53 -8.28 7.28 -12.35
N GLN A 54 -8.74 6.88 -13.53
CA GLN A 54 -8.16 7.38 -14.79
C GLN A 54 -9.04 8.48 -15.41
N GLY A 55 -9.98 8.98 -14.66
CA GLY A 55 -10.90 10.00 -15.19
C GLY A 55 -11.81 9.46 -16.26
N SER A 56 -12.15 8.17 -16.16
CA SER A 56 -12.90 7.42 -17.21
C SER A 56 -13.57 6.20 -16.59
N LEU A 57 -14.53 5.65 -17.31
CA LEU A 57 -15.35 4.57 -16.85
C LEU A 57 -15.07 3.28 -17.60
N LEU A 58 -15.20 2.14 -16.87
CA LEU A 58 -15.12 0.88 -17.58
C LEU A 58 -16.16 0.71 -18.65
N ASN A 59 -15.75 0.01 -19.71
CA ASN A 59 -16.58 -0.20 -20.87
C ASN A 59 -16.94 1.04 -21.74
N ASP A 60 -16.18 2.12 -21.58
CA ASP A 60 -16.30 3.36 -22.37
C ASP A 60 -15.01 3.61 -23.17
N LYS A 61 -15.12 4.27 -24.32
CA LYS A 61 -13.96 4.54 -25.16
C LYS A 61 -12.86 5.34 -24.43
N HIS A 62 -13.21 6.11 -23.39
CA HIS A 62 -12.16 6.85 -22.68
C HIS A 62 -11.29 5.97 -21.83
N SER A 63 -11.69 4.70 -21.64
CA SER A 63 -10.83 3.83 -20.80
C SER A 63 -9.63 3.33 -21.62
N ASN A 64 -9.55 3.71 -22.89
CA ASN A 64 -8.50 3.24 -23.78
C ASN A 64 -7.19 3.76 -23.20
N GLY A 65 -6.20 2.94 -22.92
CA GLY A 65 -5.02 3.43 -22.12
C GLY A 65 -3.82 3.66 -23.02
N ARG A 70 0.59 8.55 -15.60
CA ARG A 70 0.50 9.87 -14.97
C ARG A 70 -0.24 11.03 -15.74
N SER A 71 -1.50 10.84 -15.99
CA SER A 71 -2.24 11.82 -16.73
C SER A 71 -2.85 12.95 -15.87
N PRO A 72 -3.31 14.01 -16.51
CA PRO A 72 -3.88 15.12 -15.79
C PRO A 72 -5.34 14.84 -15.42
N TYR A 73 -5.84 13.68 -15.86
CA TYR A 73 -7.22 13.25 -15.47
C TYR A 73 -7.34 12.42 -14.25
N ARG A 74 -6.23 11.90 -13.74
CA ARG A 74 -6.28 10.97 -12.62
C ARG A 74 -6.62 11.74 -11.39
N THR A 75 -7.55 11.19 -10.61
CA THR A 75 -8.00 11.79 -9.32
C THR A 75 -8.04 10.77 -8.20
N LEU A 76 -7.82 11.24 -6.99
CA LEU A 76 -8.03 10.44 -5.83
C LEU A 76 -9.45 10.62 -5.37
N MET A 77 -10.16 9.48 -5.21
CA MET A 77 -11.53 9.46 -4.72
C MET A 77 -11.61 8.32 -3.71
N SER A 78 -12.75 8.19 -3.03
CA SER A 78 -12.94 7.16 -2.00
C SER A 78 -14.40 6.81 -1.88
N VAL A 79 -14.59 5.58 -1.43
CA VAL A 79 -15.92 5.02 -1.14
C VAL A 79 -15.81 4.31 0.24
N GLU A 80 -16.93 3.87 0.77
CA GLU A 80 -16.90 3.01 1.93
C GLU A 80 -16.32 1.66 1.56
N ILE A 81 -15.64 1.04 2.52
CA ILE A 81 -14.93 -0.21 2.20
C ILE A 81 -15.95 -1.24 1.63
N GLY A 82 -15.56 -1.89 0.55
CA GLY A 82 -16.35 -2.92 -0.10
C GLY A 82 -17.35 -2.47 -1.15
N GLN A 83 -17.57 -1.12 -1.28
CA GLN A 83 -18.27 -0.57 -2.44
C GLN A 83 -17.31 -0.56 -3.59
N SER A 84 -17.79 -0.95 -4.76
CA SER A 84 -17.12 -0.71 -6.02
C SER A 84 -16.74 0.78 -6.17
N PRO A 85 -15.71 1.11 -6.99
CA PRO A 85 -15.33 2.48 -7.12
C PRO A 85 -16.23 3.19 -8.14
N ASN A 86 -17.52 3.26 -7.80
CA ASN A 86 -18.51 3.62 -8.78
C ASN A 86 -18.74 5.10 -8.69
N VAL A 87 -19.28 5.70 -9.76
CA VAL A 87 -19.36 7.18 -9.85
C VAL A 87 -20.27 7.75 -8.77
N TYR A 88 -21.39 7.08 -8.46
CA TYR A 88 -22.49 7.71 -7.73
C TYR A 88 -22.37 7.51 -6.22
N GLN A 89 -21.36 6.74 -5.77
CA GLN A 89 -21.03 6.63 -4.36
C GLN A 89 -19.72 7.27 -4.03
N ALA A 90 -19.02 7.79 -5.03
CA ALA A 90 -17.64 8.31 -4.80
C ALA A 90 -17.57 9.70 -4.20
N ARG A 91 -16.62 9.88 -3.26
CA ARG A 91 -16.29 11.14 -2.67
C ARG A 91 -14.99 11.60 -3.32
N PHE A 92 -14.94 12.83 -3.80
CA PHE A 92 -13.75 13.40 -4.39
C PHE A 92 -12.77 13.80 -3.32
N GLU A 93 -11.51 13.45 -3.48
CA GLU A 93 -10.49 13.85 -2.53
C GLU A 93 -9.37 14.77 -3.06
N ALA A 94 -8.75 14.40 -4.17
CA ALA A 94 -7.65 15.24 -4.70
C ALA A 94 -7.40 15.00 -6.16
N VAL A 95 -6.71 15.94 -6.86
CA VAL A 95 -6.15 15.70 -8.16
C VAL A 95 -4.86 14.95 -7.92
N ALA A 96 -4.68 13.81 -8.53
CA ALA A 96 -3.60 12.90 -8.09
C ALA A 96 -3.33 11.76 -9.08
N TRP A 97 -2.06 11.61 -9.44
CA TRP A 97 -1.59 10.39 -9.98
C TRP A 97 -0.70 9.52 -9.04
N SER A 98 -0.52 9.98 -7.80
CA SER A 98 0.03 9.22 -6.69
C SER A 98 -0.56 9.85 -5.45
N ALA A 99 -0.77 9.02 -4.45
CA ALA A 99 -1.49 9.51 -3.25
C ALA A 99 -1.25 8.80 -1.94
N THR A 100 -1.57 9.43 -0.84
CA THR A 100 -1.74 8.71 0.42
C THR A 100 -2.90 9.39 1.27
N ALA A 101 -3.52 8.72 2.23
CA ALA A 101 -4.54 9.29 3.04
C ALA A 101 -4.58 8.64 4.39
N CYS A 102 -5.03 9.41 5.42
CA CYS A 102 -5.23 8.88 6.74
C CYS A 102 -6.04 9.80 7.62
N HIS A 103 -6.62 9.31 8.71
CA HIS A 103 -7.43 10.13 9.57
C HIS A 103 -6.73 10.28 10.93
N ASP A 104 -6.75 11.47 11.52
CA ASP A 104 -6.09 11.77 12.79
C ASP A 104 -7.05 11.67 13.98
N GLY A 105 -8.30 11.26 13.75
CA GLY A 105 -9.28 11.22 14.80
C GLY A 105 -10.33 12.26 14.66
N LYS A 106 -9.91 13.38 14.08
CA LYS A 106 -10.82 14.47 13.82
C LYS A 106 -11.22 14.60 12.39
N LYS A 107 -10.27 14.59 11.47
CA LYS A 107 -10.60 14.74 10.03
C LYS A 107 -9.66 13.87 9.21
N TRP A 108 -10.05 13.67 7.97
CA TRP A 108 -9.25 13.04 6.91
C TRP A 108 -8.14 13.98 6.43
N MET A 109 -6.93 13.47 6.41
CA MET A 109 -5.82 14.12 5.64
C MET A 109 -5.61 13.29 4.36
N THR A 110 -5.60 13.96 3.20
CA THR A 110 -5.20 13.28 1.96
C THR A 110 -4.04 14.07 1.28
N ILE A 111 -3.17 13.35 0.59
CA ILE A 111 -2.12 13.98 -0.16
C ILE A 111 -2.25 13.44 -1.57
N GLY A 112 -2.37 14.31 -2.57
CA GLY A 112 -2.40 13.94 -3.97
C GLY A 112 -1.26 14.67 -4.68
N VAL A 113 -0.50 13.90 -5.41
CA VAL A 113 0.56 14.40 -6.24
C VAL A 113 0.12 14.49 -7.71
N THR A 114 0.26 15.67 -8.31
CA THR A 114 -0.05 15.84 -9.70
C THR A 114 0.97 16.74 -10.38
N GLY A 115 0.68 17.12 -11.60
CA GLY A 115 1.66 17.98 -12.32
C GLY A 115 2.68 17.22 -13.24
N PRO A 116 3.63 17.98 -13.80
CA PRO A 116 4.60 17.45 -14.73
C PRO A 116 5.66 16.64 -14.00
N ASP A 117 6.21 15.66 -14.71
CA ASP A 117 7.30 14.79 -14.08
C ASP A 117 8.47 15.57 -13.53
N ALA A 118 8.82 16.65 -14.24
CA ALA A 118 10.02 17.41 -13.86
C ALA A 118 9.76 18.26 -12.65
N LYS A 119 8.51 18.54 -12.30
CA LYS A 119 8.24 19.52 -11.26
C LYS A 119 6.84 19.37 -10.62
N ALA A 120 6.60 18.19 -10.07
CA ALA A 120 5.31 17.82 -9.57
C ALA A 120 4.95 18.53 -8.32
N VAL A 121 3.66 18.61 -8.05
CA VAL A 121 3.16 19.24 -6.82
C VAL A 121 2.29 18.27 -6.03
N ALA A 122 2.62 18.08 -4.76
CA ALA A 122 1.82 17.32 -3.81
C ALA A 122 0.99 18.31 -2.99
N VAL A 123 -0.33 18.15 -3.08
CA VAL A 123 -1.27 19.03 -2.33
C VAL A 123 -1.77 18.26 -1.15
N VAL A 124 -1.57 18.79 0.07
CA VAL A 124 -2.09 18.22 1.29
C VAL A 124 -3.50 18.78 1.49
N HIS A 125 -4.47 17.95 1.71
CA HIS A 125 -5.83 18.37 2.00
C HIS A 125 -6.17 17.95 3.40
N TYR A 126 -6.99 18.71 4.12
CA TYR A 126 -7.36 18.31 5.47
C TYR A 126 -8.80 18.79 5.65
N GLY A 127 -9.67 17.84 5.93
CA GLY A 127 -11.09 18.06 6.00
C GLY A 127 -11.73 18.57 4.76
N GLY A 128 -11.20 18.12 3.65
CA GLY A 128 -11.81 18.30 2.36
C GLY A 128 -11.45 19.62 1.69
N ILE A 129 -10.45 20.34 2.21
CA ILE A 129 -9.89 21.49 1.50
C ILE A 129 -8.35 21.40 1.46
N PRO A 130 -7.73 22.09 0.47
CA PRO A 130 -6.27 22.08 0.43
C PRO A 130 -5.72 22.91 1.54
N THR A 131 -4.61 22.49 2.12
CA THR A 131 -4.07 23.18 3.28
C THR A 131 -2.54 23.35 3.22
N ASP A 132 -1.81 22.60 2.42
CA ASP A 132 -0.34 22.85 2.28
C ASP A 132 0.11 22.19 0.98
N VAL A 133 1.35 22.43 0.55
CA VAL A 133 1.90 21.85 -0.64
C VAL A 133 3.38 21.46 -0.40
N ILE A 134 3.82 20.42 -1.12
CA ILE A 134 5.26 20.02 -1.20
C ILE A 134 5.59 19.98 -2.68
N ASN A 135 6.48 20.81 -3.18
CA ASN A 135 6.91 20.65 -4.59
C ASN A 135 8.07 19.67 -4.73
N SER A 136 8.23 19.05 -5.88
CA SER A 136 9.36 18.14 -6.18
C SER A 136 10.67 18.83 -5.81
N TRP A 137 11.51 18.13 -5.07
CA TRP A 137 12.80 18.65 -4.65
C TRP A 137 13.93 18.07 -5.47
N ALA A 138 13.67 17.09 -6.33
CA ALA A 138 14.75 16.52 -7.14
C ALA A 138 14.39 16.45 -8.56
N GLY A 139 13.18 16.89 -8.96
CA GLY A 139 12.87 17.01 -10.36
C GLY A 139 12.62 15.72 -11.09
N ASP A 140 12.20 14.65 -10.39
CA ASP A 140 11.98 13.40 -11.09
C ASP A 140 10.87 12.55 -10.44
N ILE A 141 9.64 12.89 -10.86
CA ILE A 141 8.42 12.23 -10.37
C ILE A 141 8.37 12.07 -8.87
N LEU A 142 8.17 13.17 -8.19
CA LEU A 142 7.73 13.16 -6.84
C LEU A 142 6.52 12.23 -6.71
N ARG A 143 6.59 11.37 -5.69
CA ARG A 143 5.66 10.27 -5.51
C ARG A 143 5.60 9.73 -4.07
N THR A 144 4.52 9.01 -3.73
CA THR A 144 4.25 8.65 -2.41
C THR A 144 3.73 7.23 -2.24
N GLN A 145 3.08 6.96 -1.14
CA GLN A 145 2.96 5.52 -0.66
C GLN A 145 1.98 4.66 -1.49
N GLU A 146 0.89 5.26 -2.00
CA GLU A 146 -0.29 4.53 -2.51
C GLU A 146 -0.92 3.61 -1.49
N SER A 147 -0.83 3.93 -0.20
CA SER A 147 -1.53 3.26 0.87
C SER A 147 -1.74 4.25 1.99
N SER A 148 -2.38 3.80 3.06
CA SER A 148 -2.63 4.60 4.24
C SER A 148 -1.41 5.29 4.80
N CYS A 149 -1.51 6.59 5.18
CA CYS A 149 -0.46 7.21 6.05
C CYS A 149 -0.79 6.87 7.46
N THR A 150 0.01 7.37 8.40
CA THR A 150 -0.08 6.93 9.79
C THR A 150 -0.14 8.14 10.69
N CYS A 151 -1.15 8.19 11.56
CA CYS A 151 -1.33 9.26 12.49
C CYS A 151 -1.17 8.76 13.92
N ILE A 152 -0.35 9.49 14.69
CA ILE A 152 -0.11 9.20 16.09
C ILE A 152 -0.25 10.49 16.89
N LEU A 153 -1.18 10.47 17.85
CA LEU A 153 -1.31 11.56 18.80
C LEU A 153 -1.59 12.89 18.05
N GLY A 154 -2.30 12.79 16.92
CA GLY A 154 -2.75 13.98 16.20
C GLY A 154 -1.79 14.49 15.14
N GLU A 155 -0.67 13.78 14.96
CA GLU A 155 0.33 14.13 13.96
C GLU A 155 0.40 13.04 12.97
N CYS A 156 0.50 13.33 11.68
CA CYS A 156 0.43 12.28 10.70
C CYS A 156 1.71 12.26 9.92
N TYR A 157 2.10 11.05 9.51
CA TYR A 157 3.41 10.82 8.93
C TYR A 157 3.31 10.07 7.61
N TRP A 158 4.14 10.43 6.64
CA TRP A 158 4.21 9.69 5.36
C TRP A 158 5.57 9.75 4.69
N VAL A 159 5.81 8.87 3.73
CA VAL A 159 7.03 8.79 3.02
C VAL A 159 6.86 9.12 1.54
N MET A 160 7.82 9.92 0.99
CA MET A 160 7.86 10.22 -0.42
C MET A 160 9.25 9.94 -1.03
N THR A 161 9.28 9.74 -2.34
CA THR A 161 10.46 9.56 -3.11
C THR A 161 10.53 10.56 -4.28
N ASP A 162 11.73 11.01 -4.63
CA ASP A 162 11.91 11.86 -5.83
C ASP A 162 13.21 11.41 -6.44
N GLY A 163 13.23 11.10 -7.72
CA GLY A 163 14.38 10.56 -8.37
C GLY A 163 14.10 9.34 -9.22
N PRO A 164 15.17 8.71 -9.73
CA PRO A 164 15.02 7.61 -10.64
C PRO A 164 14.25 6.40 -10.06
N ALA A 165 13.57 5.68 -10.93
CA ALA A 165 12.75 4.52 -10.47
C ALA A 165 13.54 3.29 -10.46
N ASN A 166 14.75 3.36 -11.03
CA ASN A 166 15.58 2.16 -11.23
C ASN A 166 17.09 2.29 -10.84
N ARG A 167 17.44 3.26 -10.01
CA ARG A 167 18.84 3.50 -9.59
C ARG A 167 18.65 4.34 -8.35
N GLN A 168 19.72 4.86 -7.79
CA GLN A 168 19.61 5.60 -6.58
C GLN A 168 18.62 6.79 -6.71
N ALA A 169 17.77 6.98 -5.69
CA ALA A 169 16.90 8.14 -5.66
C ALA A 169 17.01 8.79 -4.30
N GLN A 170 16.10 9.77 -4.04
CA GLN A 170 16.07 10.44 -2.75
C GLN A 170 14.69 10.18 -2.02
N TYR A 171 14.72 10.04 -0.69
CA TYR A 171 13.61 9.61 0.13
C TYR A 171 13.48 10.52 1.30
N ARG A 172 12.27 11.02 1.61
CA ARG A 172 12.01 11.90 2.76
C ARG A 172 10.79 11.43 3.52
N ALA A 173 10.79 11.54 4.84
CA ALA A 173 9.61 11.45 5.67
C ALA A 173 9.14 12.81 6.16
N PHE A 174 7.81 12.95 6.23
CA PHE A 174 7.13 14.23 6.53
C PHE A 174 6.17 13.99 7.68
N LYS A 175 5.95 15.04 8.46
CA LYS A 175 5.05 15.01 9.57
C LYS A 175 4.18 16.24 9.39
N ALA A 176 2.89 16.09 9.62
CA ALA A 176 1.89 17.18 9.58
C ALA A 176 0.95 17.18 10.80
N LYS A 177 0.48 18.35 11.16
CA LYS A 177 -0.62 18.48 12.09
C LYS A 177 -1.70 19.35 11.45
N GLN A 178 -2.89 18.78 11.40
CA GLN A 178 -4.05 19.43 10.84
C GLN A 178 -3.78 19.97 9.52
N GLY A 179 -3.10 19.16 8.73
CA GLY A 179 -2.89 19.46 7.34
C GLY A 179 -1.75 20.44 7.06
N LYS A 180 -1.01 20.80 8.07
CA LYS A 180 0.22 21.64 7.90
C LYS A 180 1.48 20.88 8.17
N ILE A 181 2.42 20.96 7.24
CA ILE A 181 3.69 20.23 7.36
C ILE A 181 4.47 20.88 8.43
N ILE A 182 4.77 20.15 9.50
CA ILE A 182 5.58 20.72 10.58
C ILE A 182 6.97 20.18 10.74
N GLY A 183 7.33 19.20 9.93
CA GLY A 183 8.67 18.60 9.99
C GLY A 183 8.94 17.71 8.82
N GLN A 184 10.22 17.56 8.47
CA GLN A 184 10.60 16.61 7.50
C GLN A 184 12.03 16.10 7.74
N VAL A 185 12.39 14.96 7.18
CA VAL A 185 13.75 14.39 7.31
C VAL A 185 14.11 13.68 6.02
N GLU A 186 15.34 13.86 5.57
CA GLU A 186 15.89 13.05 4.53
C GLU A 186 16.47 11.74 5.08
N ILE A 187 16.13 10.64 4.41
CA ILE A 187 16.45 9.32 4.86
C ILE A 187 17.69 8.97 4.09
N SER A 188 18.76 8.76 4.82
CA SER A 188 20.03 8.35 4.22
C SER A 188 20.02 6.84 3.97
N PHE A 189 20.20 6.44 2.72
CA PHE A 189 19.99 4.99 2.31
C PHE A 189 20.76 4.82 1.02
N ASN A 190 22.07 5.06 1.10
CA ASN A 190 22.98 4.91 -0.01
C ASN A 190 23.06 3.46 -0.45
N GLY A 191 22.84 3.16 -1.72
CA GLY A 191 22.79 1.77 -2.14
C GLY A 191 21.37 1.15 -2.06
N GLY A 192 20.44 1.83 -1.38
CA GLY A 192 19.07 1.27 -1.19
C GLY A 192 18.10 2.08 -1.99
N HIS A 193 16.85 1.60 -2.06
CA HIS A 193 15.85 2.20 -2.84
C HIS A 193 14.52 1.95 -2.19
N ILE A 194 13.75 3.04 -2.10
CA ILE A 194 12.50 3.04 -1.41
C ILE A 194 11.44 3.64 -2.28
N GLU A 195 10.34 2.89 -2.41
CA GLU A 195 9.16 3.28 -3.15
C GLU A 195 7.98 2.69 -2.37
N GLU A 196 6.89 3.39 -2.46
CA GLU A 196 5.54 2.80 -2.16
C GLU A 196 5.43 2.12 -0.85
N CYS A 197 5.84 2.87 0.22
CA CYS A 197 5.90 2.31 1.57
C CYS A 197 4.53 1.98 2.14
N SER A 198 4.46 0.80 2.77
CA SER A 198 3.30 0.32 3.49
C SER A 198 3.52 0.39 4.96
N CYS A 199 2.78 1.31 5.61
CA CYS A 199 3.14 1.76 6.92
C CYS A 199 1.99 1.51 7.88
N TYR A 200 2.34 1.39 9.14
CA TYR A 200 1.33 1.22 10.19
C TYR A 200 1.94 1.70 11.51
N PRO A 201 1.09 2.04 12.50
CA PRO A 201 1.55 2.38 13.83
C PRO A 201 1.84 1.18 14.70
N ASN A 202 2.94 1.20 15.46
CA ASN A 202 3.17 0.10 16.41
C ASN A 202 4.00 0.59 17.58
N ASP A 203 3.40 0.56 18.78
CA ASP A 203 4.17 1.03 20.00
C ASP A 203 4.67 2.49 19.92
N GLY A 204 3.88 3.38 19.32
CA GLY A 204 4.21 4.80 19.22
C GLY A 204 5.25 5.18 18.17
N LYS A 205 5.44 4.31 17.21
CA LYS A 205 6.34 4.52 16.08
C LYS A 205 5.59 4.20 14.78
N VAL A 206 6.12 4.64 13.63
CA VAL A 206 5.60 4.31 12.30
C VAL A 206 6.54 3.29 11.70
N GLU A 207 6.03 2.08 11.40
CA GLU A 207 6.78 1.01 10.77
C GLU A 207 6.30 0.85 9.37
N CYS A 208 7.25 0.84 8.44
CA CYS A 208 6.95 0.83 7.01
C CYS A 208 7.78 -0.26 6.39
N VAL A 209 7.15 -0.93 5.43
CA VAL A 209 7.76 -1.94 4.68
C VAL A 209 7.53 -1.54 3.22
N CYS A 210 8.60 -1.44 2.45
CA CYS A 210 8.55 -0.75 1.15
C CYS A 210 8.98 -1.62 0.01
N ARG A 211 9.22 -0.98 -1.15
CA ARG A 211 9.56 -1.60 -2.37
C ARG A 211 10.90 -1.04 -2.83
N ASP A 212 11.89 -1.94 -3.07
CA ASP A 212 13.17 -1.62 -3.68
C ASP A 212 13.05 -1.92 -5.15
N ASN A 213 13.11 -0.88 -6.03
CA ASN A 213 12.87 -1.06 -7.45
C ASN A 213 14.21 -1.07 -8.24
N TRP A 214 15.30 -1.05 -7.52
CA TRP A 214 16.66 -0.95 -8.11
C TRP A 214 17.34 -2.27 -8.19
N THR A 215 17.87 -2.79 -7.08
CA THR A 215 18.50 -4.09 -7.07
C THR A 215 17.96 -5.15 -6.08
N GLY A 216 17.09 -4.75 -5.16
CA GLY A 216 16.68 -5.65 -4.08
C GLY A 216 15.41 -6.52 -4.37
N THR A 217 15.48 -7.79 -3.93
CA THR A 217 14.33 -8.72 -3.99
C THR A 217 13.73 -8.89 -2.64
N ASN A 218 14.42 -8.36 -1.66
CA ASN A 218 13.94 -8.19 -0.36
C ASN A 218 13.37 -6.77 -0.16
N ARG A 219 12.59 -6.57 0.91
CA ARG A 219 11.97 -5.24 1.09
C ARG A 219 12.63 -4.37 2.12
N PRO A 220 12.77 -3.06 1.82
CA PRO A 220 13.17 -2.10 2.81
C PRO A 220 12.27 -1.96 4.00
N VAL A 221 12.84 -1.68 5.14
CA VAL A 221 12.08 -1.34 6.32
C VAL A 221 12.58 -0.01 6.87
N LEU A 222 11.63 0.84 7.26
CA LEU A 222 11.87 2.12 7.79
C LEU A 222 11.02 2.27 9.03
N VAL A 223 11.63 2.59 10.15
CA VAL A 223 10.92 2.85 11.39
C VAL A 223 11.19 4.30 11.82
N ILE A 224 10.13 5.07 11.80
CA ILE A 224 10.18 6.49 12.15
C ILE A 224 9.57 6.77 13.54
N SER A 225 10.33 7.52 14.33
CA SER A 225 9.90 8.03 15.63
C SER A 225 9.18 9.39 15.49
N PRO A 226 8.38 9.75 16.50
CA PRO A 226 7.60 10.98 16.34
C PRO A 226 8.49 12.23 16.10
N ASP A 227 9.72 12.21 16.63
CA ASP A 227 10.62 13.36 16.39
C ASP A 227 11.37 13.27 15.09
N LEU A 228 11.05 12.30 14.24
CA LEU A 228 11.67 12.15 12.92
C LEU A 228 13.13 11.61 12.93
N SER A 229 13.61 11.09 14.07
CA SER A 229 14.68 10.15 14.03
C SER A 229 14.11 8.89 13.45
N TYR A 230 14.97 8.09 12.85
CA TYR A 230 14.50 6.90 12.17
C TYR A 230 15.56 5.83 12.16
N ARG A 231 15.13 4.62 11.89
CA ARG A 231 16.10 3.58 11.45
C ARG A 231 15.67 3.00 10.14
N VAL A 232 16.62 2.65 9.28
CA VAL A 232 16.33 2.12 7.97
C VAL A 232 17.21 0.90 7.70
N GLY A 233 16.65 -0.05 6.98
CA GLY A 233 17.44 -1.23 6.56
C GLY A 233 16.52 -2.05 5.71
N TYR A 234 16.76 -3.36 5.72
CA TYR A 234 15.94 -4.32 4.98
C TYR A 234 15.30 -5.35 5.97
N LEU A 235 14.15 -5.85 5.58
CA LEU A 235 13.39 -6.87 6.35
C LEU A 235 14.34 -8.10 6.41
N CYS A 236 14.73 -8.44 7.62
CA CYS A 236 15.71 -9.49 7.93
C CYS A 236 15.46 -10.86 7.37
N ALA A 237 14.20 -11.26 7.29
CA ALA A 237 13.79 -12.62 7.00
C ALA A 237 14.50 -13.19 5.77
N GLY A 238 14.85 -14.48 5.91
CA GLY A 238 15.51 -15.27 4.87
C GLY A 238 14.56 -15.78 3.82
N LEU A 239 13.42 -15.07 3.61
CA LEU A 239 12.54 -15.32 2.48
C LEU A 239 12.29 -13.94 1.81
N SER A 240 12.33 -13.94 0.50
CA SER A 240 12.27 -12.77 -0.29
C SER A 240 10.75 -12.46 -0.52
N SER A 241 10.31 -11.20 -0.47
CA SER A 241 8.88 -10.94 -0.68
C SER A 241 8.51 -9.91 -1.78
N ASP A 242 9.49 -9.56 -2.64
CA ASP A 242 9.25 -8.75 -3.79
C ASP A 242 8.90 -9.59 -4.97
N THR A 243 8.46 -8.96 -6.05
CA THR A 243 8.35 -9.60 -7.32
C THR A 243 8.75 -8.64 -8.40
N PRO A 244 9.72 -9.07 -9.26
CA PRO A 244 10.36 -10.39 -9.33
C PRO A 244 11.35 -10.71 -8.24
N ARG A 245 11.50 -12.00 -8.00
CA ARG A 245 12.45 -12.48 -7.05
C ARG A 245 12.98 -13.88 -7.50
N GLY A 246 13.99 -14.32 -6.83
CA GLY A 246 14.54 -15.65 -7.07
C GLY A 246 13.84 -16.73 -6.17
N GLU A 247 14.27 -17.98 -6.33
CA GLU A 247 13.77 -19.09 -5.46
C GLU A 247 14.21 -18.94 -4.03
N ASP A 248 13.39 -19.41 -3.09
CA ASP A 248 13.69 -19.23 -1.69
C ASP A 248 15.03 -20.01 -1.36
N SER A 249 15.23 -21.12 -2.05
CA SER A 249 16.36 -22.02 -1.74
C SER A 249 17.68 -21.40 -2.21
N GLN A 250 17.63 -20.32 -3.02
CA GLN A 250 18.88 -19.63 -3.43
C GLN A 250 19.00 -18.35 -2.64
N PHE A 251 18.03 -18.06 -1.77
CA PHE A 251 18.00 -16.78 -1.04
C PHE A 251 18.62 -16.85 0.35
N THR A 252 19.50 -15.89 0.65
CA THR A 252 19.94 -15.64 2.00
C THR A 252 19.56 -14.23 2.49
N GLY A 253 19.04 -14.11 3.68
CA GLY A 253 18.54 -12.78 4.06
C GLY A 253 19.61 -11.74 4.34
N SER A 254 19.18 -10.49 4.43
CA SER A 254 20.01 -9.45 5.02
C SER A 254 19.20 -8.41 5.66
N CYS A 255 19.64 -8.01 6.87
CA CYS A 255 19.02 -6.92 7.64
C CYS A 255 19.43 -5.52 7.11
N THR A 256 20.47 -5.44 6.27
CA THR A 256 21.21 -4.18 6.02
C THR A 256 21.21 -3.76 4.56
N SER A 257 21.20 -4.74 3.67
CA SER A 257 21.51 -4.61 2.25
C SER A 257 20.51 -5.33 1.31
N PRO A 258 20.40 -4.79 0.09
CA PRO A 258 19.55 -5.39 -0.93
C PRO A 258 20.20 -6.73 -1.34
N VAL A 259 19.38 -7.74 -1.45
CA VAL A 259 19.82 -9.02 -1.95
C VAL A 259 19.00 -9.46 -3.17
N GLY A 260 19.65 -10.12 -4.12
CA GLY A 260 19.01 -10.87 -5.24
C GLY A 260 19.40 -10.36 -6.63
N ASN A 261 19.98 -9.17 -6.67
CA ASN A 261 20.37 -8.50 -7.94
C ASN A 261 19.34 -8.59 -9.10
N GLN A 262 18.13 -8.06 -8.89
CA GLN A 262 17.10 -8.04 -9.91
C GLN A 262 16.45 -6.68 -9.77
N GLY A 263 16.01 -6.19 -10.90
CA GLY A 263 15.26 -4.94 -10.98
C GLY A 263 13.77 -5.12 -10.74
N TYR A 264 13.08 -4.00 -10.89
CA TYR A 264 11.65 -3.93 -10.85
C TYR A 264 11.17 -4.29 -9.46
N GLY A 265 9.87 -4.54 -9.28
CA GLY A 265 9.36 -4.75 -7.93
C GLY A 265 7.81 -4.57 -7.99
N VAL A 266 7.20 -4.66 -6.83
CA VAL A 266 5.75 -4.51 -6.65
C VAL A 266 5.57 -3.96 -5.24
N LYS A 267 4.56 -3.11 -5.06
CA LYS A 267 4.27 -2.59 -3.74
C LYS A 267 3.76 -3.86 -2.89
N GLY A 268 4.24 -4.00 -1.68
CA GLY A 268 3.84 -4.98 -0.69
C GLY A 268 3.94 -4.50 0.73
N PHE A 269 3.83 -5.44 1.66
CA PHE A 269 3.77 -5.08 3.05
C PHE A 269 4.22 -6.23 3.95
N GLY A 270 4.42 -5.88 5.20
CA GLY A 270 4.66 -6.82 6.27
C GLY A 270 4.24 -6.16 7.57
N PHE A 271 4.09 -6.99 8.61
CA PHE A 271 3.80 -6.55 9.94
C PHE A 271 4.73 -7.21 10.97
N ARG A 272 5.34 -6.39 11.84
CA ARG A 272 6.12 -6.89 12.98
C ARG A 272 5.17 -7.58 13.96
N GLN A 273 5.58 -8.71 14.54
CA GLN A 273 4.76 -9.45 15.53
C GLN A 273 5.73 -9.81 16.62
N GLY A 274 6.01 -8.85 17.47
CA GLY A 274 7.13 -8.92 18.43
C GLY A 274 8.46 -8.96 17.73
N ASN A 275 9.08 -10.14 17.72
CA ASN A 275 10.24 -10.39 16.90
C ASN A 275 9.96 -11.15 15.62
N ASP A 276 8.77 -11.67 15.45
CA ASP A 276 8.35 -12.41 14.23
C ASP A 276 7.84 -11.44 13.15
N VAL A 277 7.47 -11.93 11.97
CA VAL A 277 6.87 -11.07 10.95
C VAL A 277 5.84 -11.80 10.06
N TRP A 278 4.74 -11.09 9.73
CA TRP A 278 3.79 -11.51 8.66
C TRP A 278 4.26 -10.78 7.44
N MET A 279 4.47 -11.51 6.36
CA MET A 279 4.87 -10.86 5.10
C MET A 279 4.01 -11.33 3.98
N GLY A 280 3.54 -10.42 3.14
CA GLY A 280 2.79 -10.86 1.97
C GLY A 280 3.63 -11.04 0.75
N ARG A 281 3.23 -11.87 -0.20
CA ARG A 281 3.89 -11.90 -1.53
C ARG A 281 3.04 -12.58 -2.57
N THR A 282 3.34 -12.26 -3.80
CA THR A 282 2.64 -12.86 -4.88
C THR A 282 3.13 -14.35 -4.84
N ILE A 283 2.30 -15.27 -5.32
CA ILE A 283 2.72 -16.68 -5.30
C ILE A 283 3.75 -16.92 -6.39
N SER A 284 3.51 -16.35 -7.55
CA SER A 284 4.51 -16.37 -8.62
C SER A 284 5.74 -15.54 -8.24
N ARG A 285 6.89 -16.00 -8.68
CA ARG A 285 8.16 -15.28 -8.50
C ARG A 285 8.43 -14.33 -9.64
N THR A 286 7.78 -14.51 -10.78
CA THR A 286 8.13 -13.75 -12.00
C THR A 286 6.98 -12.79 -12.36
N SER A 287 5.74 -13.05 -11.95
CA SER A 287 4.64 -12.22 -12.37
C SER A 287 3.67 -11.91 -11.19
N ARG A 288 2.76 -10.94 -11.35
CA ARG A 288 1.91 -10.56 -10.27
C ARG A 288 0.71 -11.46 -10.27
N SER A 289 0.93 -12.69 -9.80
CA SER A 289 -0.10 -13.73 -9.82
C SER A 289 -0.10 -14.43 -8.51
N GLY A 290 -1.30 -14.65 -8.02
CA GLY A 290 -1.52 -15.22 -6.73
C GLY A 290 -1.19 -14.29 -5.58
N PHE A 291 -1.59 -14.68 -4.38
CA PHE A 291 -1.18 -13.90 -3.17
C PHE A 291 -1.20 -14.80 -1.96
N GLU A 292 -0.10 -14.82 -1.18
CA GLU A 292 -0.01 -15.63 0.02
C GLU A 292 0.53 -14.75 1.11
N ILE A 293 0.20 -15.09 2.36
CA ILE A 293 0.78 -14.41 3.54
C ILE A 293 1.51 -15.43 4.43
N LEU A 294 2.75 -15.11 4.80
CA LEU A 294 3.59 -16.05 5.56
C LEU A 294 3.98 -15.43 6.86
N LYS A 295 3.90 -16.20 7.94
CA LYS A 295 4.45 -15.78 9.22
C LYS A 295 5.78 -16.49 9.47
N VAL A 296 6.80 -15.70 9.75
CA VAL A 296 8.18 -16.21 9.95
C VAL A 296 8.67 -15.91 11.33
N ARG A 297 8.99 -16.96 12.04
CA ARG A 297 9.54 -16.81 13.40
C ARG A 297 10.88 -16.04 13.41
N ASN A 298 11.01 -15.07 14.30
CA ASN A 298 12.15 -14.13 14.32
C ASN A 298 12.49 -13.44 13.06
N GLY A 299 11.53 -13.36 12.13
CA GLY A 299 11.77 -12.79 10.80
C GLY A 299 11.96 -11.27 10.82
N TRP A 300 11.61 -10.64 11.90
CA TRP A 300 11.83 -9.14 11.96
C TRP A 300 13.29 -8.83 12.32
N VAL A 301 13.90 -9.74 13.07
CA VAL A 301 15.25 -9.49 13.71
C VAL A 301 16.38 -10.35 13.21
N GLN A 302 16.10 -11.39 12.43
CA GLN A 302 17.13 -12.36 12.03
C GLN A 302 16.76 -12.81 10.67
N THR A 303 17.71 -13.45 9.98
CA THR A 303 17.54 -13.96 8.63
C THR A 303 16.92 -15.36 8.69
N SER A 304 15.78 -15.44 9.40
CA SER A 304 15.18 -16.69 9.67
C SER A 304 14.45 -17.24 8.43
N LYS A 305 14.45 -18.56 8.26
CA LYS A 305 13.55 -19.14 7.29
C LYS A 305 12.47 -20.03 7.90
N GLU A 306 12.21 -19.80 9.17
CA GLU A 306 11.33 -20.61 9.92
C GLU A 306 9.88 -20.13 9.75
N GLN A 307 9.22 -20.66 8.77
CA GLN A 307 7.80 -20.39 8.52
C GLN A 307 6.90 -21.10 9.49
N ILE A 308 6.05 -20.35 10.17
CA ILE A 308 5.15 -20.96 11.18
C ILE A 308 3.68 -20.91 10.72
N LYS A 309 3.35 -20.04 9.75
CA LYS A 309 1.97 -19.98 9.21
C LYS A 309 2.07 -19.61 7.78
N ARG A 310 1.08 -20.05 6.99
CA ARG A 310 0.88 -19.62 5.62
C ARG A 310 -0.61 -19.60 5.27
N GLN A 311 -1.06 -18.57 4.58
CA GLN A 311 -2.42 -18.54 4.17
C GLN A 311 -2.41 -18.04 2.74
N VAL A 312 -3.13 -18.71 1.86
CA VAL A 312 -3.42 -18.21 0.52
C VAL A 312 -4.76 -17.44 0.44
N VAL A 313 -4.74 -16.32 -0.27
CA VAL A 313 -5.88 -15.40 -0.45
C VAL A 313 -6.32 -15.30 -1.92
N VAL A 314 -5.40 -15.45 -2.86
CA VAL A 314 -5.69 -15.47 -4.30
C VAL A 314 -4.86 -16.60 -4.82
N ASP A 315 -5.43 -17.53 -5.55
CA ASP A 315 -4.59 -18.63 -6.00
C ASP A 315 -3.71 -18.26 -7.22
N ASN A 316 -2.79 -19.14 -7.57
CA ASN A 316 -1.70 -18.75 -8.50
C ASN A 316 -2.17 -18.77 -9.95
N LEU A 317 -3.38 -19.22 -10.22
CA LEU A 317 -3.94 -19.06 -11.56
C LEU A 317 -4.62 -17.69 -11.80
N ASN A 318 -4.59 -16.82 -10.81
CA ASN A 318 -5.37 -15.60 -10.87
C ASN A 318 -4.44 -14.43 -10.61
N ARG A 319 -4.77 -13.31 -11.26
CA ARG A 319 -4.00 -12.08 -11.04
C ARG A 319 -4.14 -11.42 -9.69
N SER A 320 -2.97 -10.91 -9.25
CA SER A 320 -2.87 -10.09 -8.08
C SER A 320 -2.30 -8.71 -8.49
N GLY A 321 -1.37 -8.16 -7.76
CA GLY A 321 -1.00 -6.76 -7.95
C GLY A 321 -0.41 -6.20 -6.66
N TYR A 322 -0.62 -4.90 -6.39
CA TYR A 322 -0.16 -4.25 -5.18
C TYR A 322 -0.82 -4.82 -3.91
N SER A 323 -0.18 -4.65 -2.78
CA SER A 323 -0.82 -4.90 -1.48
C SER A 323 -0.24 -3.90 -0.48
N GLY A 324 -0.98 -3.66 0.61
CA GLY A 324 -0.71 -2.68 1.56
C GLY A 324 -1.34 -2.87 2.94
N SER A 325 -0.84 -2.11 3.89
CA SER A 325 -1.24 -2.28 5.28
C SER A 325 -2.04 -1.09 5.81
N PHE A 326 -2.92 -1.35 6.76
CA PHE A 326 -3.53 -0.36 7.60
C PHE A 326 -3.91 -1.01 8.92
N THR A 327 -4.38 -0.21 9.90
CA THR A 327 -4.77 -0.77 11.19
C THR A 327 -6.21 -0.34 11.52
N LEU A 328 -6.89 -1.14 12.38
CA LEU A 328 -8.21 -0.74 12.96
C LEU A 328 -7.99 -0.01 14.22
N PRO A 329 -8.57 1.16 14.33
CA PRO A 329 -8.40 1.93 15.55
C PRO A 329 -9.16 1.36 16.76
N VAL A 330 -8.67 1.66 17.95
CA VAL A 330 -9.29 1.08 19.15
C VAL A 330 -10.71 1.66 19.39
N GLU A 331 -11.00 2.84 18.81
CA GLU A 331 -12.34 3.40 19.03
C GLU A 331 -13.39 2.56 18.24
N LEU A 332 -12.98 1.79 17.23
CA LEU A 332 -13.86 0.79 16.58
C LEU A 332 -13.82 -0.60 17.25
N THR A 333 -12.63 -1.06 17.59
CA THR A 333 -12.47 -2.40 18.12
C THR A 333 -12.66 -2.51 19.61
N LYS A 334 -12.53 -1.44 20.39
CA LYS A 334 -12.39 -1.57 21.89
C LYS A 334 -11.29 -2.55 22.37
N ARG A 335 -10.29 -2.82 21.56
CA ARG A 335 -9.20 -3.67 21.99
C ARG A 335 -8.11 -2.85 22.64
N ASP A 336 -7.16 -3.57 23.23
CA ASP A 336 -6.07 -2.90 23.90
C ASP A 336 -4.91 -2.78 22.87
N CYS A 337 -5.08 -3.24 21.63
CA CYS A 337 -3.99 -3.24 20.64
C CYS A 337 -4.60 -2.84 19.30
N LEU A 338 -3.75 -2.52 18.35
CA LEU A 338 -4.16 -2.10 17.03
C LEU A 338 -4.23 -3.34 16.14
N VAL A 339 -5.37 -3.58 15.53
CA VAL A 339 -5.54 -4.75 14.71
C VAL A 339 -4.97 -4.50 13.32
N PRO A 340 -4.09 -5.42 12.87
CA PRO A 340 -3.46 -5.27 11.58
C PRO A 340 -4.36 -5.83 10.46
N CYS A 341 -4.47 -5.11 9.36
CA CYS A 341 -5.22 -5.48 8.15
C CYS A 341 -4.46 -5.22 6.88
N PHE A 342 -4.77 -5.95 5.82
CA PHE A 342 -4.18 -5.63 4.57
C PHE A 342 -5.20 -5.76 3.47
N TRP A 343 -4.87 -5.19 2.30
CA TRP A 343 -5.63 -5.27 1.07
C TRP A 343 -4.74 -5.79 0.01
N VAL A 344 -5.37 -6.37 -1.00
CA VAL A 344 -4.69 -6.80 -2.19
C VAL A 344 -5.43 -6.30 -3.39
N GLU A 345 -4.67 -5.72 -4.30
CA GLU A 345 -5.14 -5.20 -5.56
C GLU A 345 -5.05 -6.35 -6.61
N MET A 346 -6.07 -6.57 -7.43
CA MET A 346 -6.08 -7.63 -8.44
C MET A 346 -6.29 -6.92 -9.79
N ILE A 347 -5.21 -6.80 -10.56
CA ILE A 347 -5.15 -6.02 -11.79
C ILE A 347 -5.68 -6.88 -12.94
N ARG A 348 -6.52 -6.29 -13.77
CA ARG A 348 -6.98 -6.94 -14.98
C ARG A 348 -6.74 -6.07 -16.18
N GLY A 349 -6.53 -6.75 -17.34
CA GLY A 349 -6.40 -6.01 -18.62
C GLY A 349 -4.98 -5.94 -19.19
N LYS A 350 -4.69 -4.91 -19.97
CA LYS A 350 -3.45 -4.89 -20.83
C LYS A 350 -2.24 -4.50 -20.04
N PRO A 351 -1.04 -4.89 -20.49
CA PRO A 351 -0.71 -5.76 -21.65
C PRO A 351 -0.93 -7.35 -21.52
N ALA A 352 -1.05 -7.88 -20.32
CA ALA A 352 -1.21 -9.34 -20.15
C ALA A 352 -2.45 -9.85 -20.81
N GLU A 353 -3.55 -9.10 -20.75
CA GLU A 353 -4.75 -9.54 -21.33
C GLU A 353 -5.09 -8.65 -22.52
N LYS A 354 -5.83 -9.19 -23.48
CA LYS A 354 -6.17 -8.48 -24.70
C LYS A 354 -7.37 -7.54 -24.58
N THR A 355 -7.11 -6.38 -24.01
CA THR A 355 -8.14 -5.40 -23.79
C THR A 355 -7.51 -4.04 -24.10
N ILE A 356 -8.31 -3.04 -24.31
CA ILE A 356 -7.77 -1.67 -24.47
C ILE A 356 -7.48 -0.93 -23.19
N TRP A 357 -7.95 -1.48 -22.08
CA TRP A 357 -7.88 -0.81 -20.80
C TRP A 357 -7.18 -1.67 -19.73
N THR A 358 -6.83 -1.02 -18.65
CA THR A 358 -6.33 -1.65 -17.41
C THR A 358 -7.02 -1.12 -16.14
N SER A 359 -7.46 -1.98 -15.24
CA SER A 359 -8.03 -1.56 -13.97
C SER A 359 -7.79 -2.64 -12.92
N SER A 360 -8.28 -2.43 -11.73
CA SER A 360 -8.17 -3.42 -10.70
C SER A 360 -9.35 -3.46 -9.81
N SER A 361 -9.51 -4.59 -9.13
CA SER A 361 -10.40 -4.66 -7.95
C SER A 361 -9.67 -5.04 -6.65
N SER A 362 -10.36 -5.16 -5.53
CA SER A 362 -9.64 -5.47 -4.28
C SER A 362 -10.31 -6.47 -3.36
N ILE A 363 -9.49 -7.04 -2.48
CA ILE A 363 -9.98 -7.85 -1.31
C ILE A 363 -9.22 -7.35 -0.10
N VAL A 364 -9.91 -7.35 1.04
CA VAL A 364 -9.36 -6.80 2.30
C VAL A 364 -9.50 -7.91 3.36
N MET A 365 -8.42 -8.11 4.13
CA MET A 365 -8.39 -9.08 5.22
C MET A 365 -7.91 -8.45 6.49
N CYS A 366 -8.46 -8.89 7.64
CA CYS A 366 -8.04 -8.40 8.96
C CYS A 366 -7.60 -9.54 9.87
N GLY A 367 -6.64 -9.20 10.76
CA GLY A 367 -5.98 -10.14 11.70
C GLY A 367 -6.98 -10.59 12.76
N VAL A 368 -7.03 -11.89 12.97
CA VAL A 368 -7.86 -12.49 14.00
C VAL A 368 -7.05 -13.54 14.82
N ASP A 369 -7.70 -14.11 15.83
CA ASP A 369 -6.97 -14.93 16.78
C ASP A 369 -7.08 -16.40 16.45
N HIS A 370 -7.48 -16.75 15.23
CA HIS A 370 -7.59 -18.15 14.79
C HIS A 370 -7.02 -18.22 13.36
N GLU A 371 -6.47 -19.35 13.00
CA GLU A 371 -6.11 -19.59 11.63
C GLU A 371 -7.34 -19.69 10.76
N VAL A 372 -7.22 -19.26 9.51
CA VAL A 372 -8.27 -19.28 8.50
C VAL A 372 -7.78 -20.09 7.30
N ALA A 373 -8.67 -20.85 6.70
CA ALA A 373 -8.32 -21.72 5.61
C ALA A 373 -7.90 -20.93 4.39
N ASP A 374 -7.12 -21.59 3.52
CA ASP A 374 -6.79 -21.07 2.22
C ASP A 374 -8.04 -21.02 1.26
N TRP A 375 -8.13 -19.97 0.47
CA TRP A 375 -9.06 -19.96 -0.61
C TRP A 375 -8.61 -18.98 -1.63
N SER A 376 -9.44 -18.65 -2.61
CA SER A 376 -9.11 -17.67 -3.60
C SER A 376 -10.28 -16.70 -3.84
N TRP A 377 -10.08 -15.47 -3.44
CA TRP A 377 -11.18 -14.48 -3.63
C TRP A 377 -10.73 -13.61 -4.82
N HIS A 378 -10.56 -14.23 -5.96
CA HIS A 378 -10.01 -13.54 -7.10
C HIS A 378 -11.00 -12.55 -7.76
N ASP A 379 -10.52 -11.84 -8.77
CA ASP A 379 -11.34 -10.77 -9.39
C ASP A 379 -12.64 -11.35 -10.03
N GLY A 380 -12.49 -12.33 -10.88
CA GLY A 380 -13.63 -13.06 -11.53
C GLY A 380 -14.30 -12.40 -12.71
N ALA A 381 -13.77 -11.26 -13.17
CA ALA A 381 -14.27 -10.72 -14.37
C ALA A 381 -13.94 -11.57 -15.60
N ILE A 382 -14.82 -11.50 -16.61
CA ILE A 382 -14.69 -12.26 -17.84
C ILE A 382 -14.29 -11.30 -18.94
N LEU A 383 -13.03 -11.39 -19.41
CA LEU A 383 -12.52 -10.55 -20.47
C LEU A 383 -12.44 -11.28 -21.79
N PRO A 384 -12.39 -10.55 -22.91
CA PRO A 384 -12.50 -9.08 -23.03
C PRO A 384 -13.94 -8.58 -22.74
N PHE A 385 -14.09 -7.27 -22.59
CA PHE A 385 -15.36 -6.57 -22.45
C PHE A 385 -15.88 -6.07 -23.80
N ASP A 386 -17.11 -5.62 -23.80
CA ASP A 386 -17.79 -5.10 -24.99
C ASP A 386 -16.96 -4.05 -25.75
N ILE A 387 -16.31 -3.17 -25.01
CA ILE A 387 -15.55 -2.06 -25.60
C ILE A 387 -14.31 -2.60 -26.38
N ASP A 388 -13.89 -3.83 -26.10
CA ASP A 388 -12.62 -4.35 -26.64
C ASP A 388 -12.71 -4.99 -28.06
#